data_3BAM
#
_entry.id   3BAM
#
_cell.length_a   106.400
_cell.length_b   79.600
_cell.length_c   67.600
_cell.angle_alpha   90.00
_cell.angle_beta   90.00
_cell.angle_gamma   90.00
#
_symmetry.space_group_name_H-M   'P 21 21 21'
#
loop_
_entity.id
_entity.type
_entity.pdbx_description
1 polymer "DNA (5'-D(*TP*AP*TP*GP*GP*AP*TP*CP*CP*AP*TP*A)-3')"
2 polymer "DNA (5'-D(*TP*AP*TP*G)-3')"
3 polymer "DNA (5'-D(P*GP*AP*TP*CP*CP*AP*TP*A)-3')"
4 polymer 'PROTEIN (RESTRICTION ENDONUCLEASE BAMHI)'
5 non-polymer 'MANGANESE (II) ION'
6 water water
#
loop_
_entity_poly.entity_id
_entity_poly.type
_entity_poly.pdbx_seq_one_letter_code
_entity_poly.pdbx_strand_id
1 'polydeoxyribonucleotide' (DT)(DA)(DT)(DG)(DG)(DA)(DT)(DC)(DC)(DA)(DT)(DA) C
2 'polydeoxyribonucleotide' (DT)(DA)(DT)(DG) D
3 'polydeoxyribonucleotide' (DG)(DA)(DT)(DC)(DC)(DA)(DT)(DA) E
4 'polypeptide(L)'
;MEVEKEFITDEAKELLSKDKLIQQAYNEVKTSICSPIWPATSKTFTINNTEKNCNGVVPIKELCYTLLEDTYNWYREKPL
DILKLEKKKGGPIDVYKEFIENSELKRVGMEFETGNISSAHRSMNKLLLGLKHGEIDLAIILMPIKQLAYYLTDRVTNFE
ELEPYFELTEGQPFIFIGFNAEAYNSNVPLIPKGSDGMSKRSIKKWKDKVENK
;
A,B
#
# COMPACT_ATOMS: atom_id res chain seq x y z
N MET D 1 6.96 -19.65 17.13
CA MET D 1 6.65 -18.20 17.19
C MET D 1 5.76 -17.92 18.39
N GLU D 2 5.70 -16.65 18.78
CA GLU D 2 4.88 -16.21 19.89
C GLU D 2 4.25 -14.87 19.56
N VAL D 3 3.05 -14.62 20.08
CA VAL D 3 2.35 -13.37 19.86
C VAL D 3 2.88 -12.35 20.89
N GLU D 4 3.41 -11.23 20.42
CA GLU D 4 3.94 -10.23 21.32
C GLU D 4 3.09 -8.98 21.39
N LYS D 5 2.54 -8.57 20.24
CA LYS D 5 1.71 -7.36 20.18
C LYS D 5 0.36 -7.66 19.57
N GLU D 6 -0.63 -6.85 19.92
CA GLU D 6 -1.97 -7.06 19.41
C GLU D 6 -2.90 -5.86 19.56
N PHE D 7 -3.67 -5.60 18.51
CA PHE D 7 -4.65 -4.53 18.51
C PHE D 7 -5.97 -5.13 18.06
N ILE D 8 -6.98 -5.00 18.91
CA ILE D 8 -8.31 -5.54 18.64
C ILE D 8 -9.29 -4.38 18.70
N THR D 9 -9.97 -4.13 17.58
CA THR D 9 -10.95 -3.05 17.55
C THR D 9 -12.06 -3.40 18.54
N ASP D 10 -12.83 -2.40 18.94
CA ASP D 10 -13.91 -2.63 19.87
C ASP D 10 -14.95 -3.60 19.35
N GLU D 11 -15.17 -3.61 18.04
CA GLU D 11 -16.16 -4.52 17.44
C GLU D 11 -15.66 -5.95 17.60
N ALA D 12 -14.38 -6.18 17.30
CA ALA D 12 -13.79 -7.50 17.43
C ALA D 12 -13.80 -7.93 18.92
N LYS D 13 -13.59 -6.97 19.82
CA LYS D 13 -13.59 -7.24 21.26
C LYS D 13 -14.92 -7.83 21.66
N GLU D 14 -16.01 -7.19 21.25
CA GLU D 14 -17.35 -7.68 21.57
C GLU D 14 -17.54 -9.11 21.05
N LEU D 15 -17.16 -9.34 19.81
CA LEU D 15 -17.27 -10.67 19.23
C LEU D 15 -16.53 -11.68 20.08
N LEU D 16 -15.27 -11.40 20.37
CA LEU D 16 -14.44 -12.28 21.17
C LEU D 16 -15.01 -12.56 22.55
N SER D 17 -15.55 -11.54 23.19
CA SER D 17 -16.11 -11.73 24.52
C SER D 17 -17.45 -12.45 24.57
N LYS D 18 -18.28 -12.22 23.56
CA LYS D 18 -19.61 -12.81 23.51
C LYS D 18 -19.83 -14.04 22.62
N ASP D 19 -19.22 -14.05 21.45
CA ASP D 19 -19.40 -15.13 20.49
C ASP D 19 -18.44 -16.31 20.58
N LYS D 20 -19.01 -17.49 20.75
CA LYS D 20 -18.25 -18.73 20.85
C LYS D 20 -17.48 -19.06 19.56
N LEU D 21 -18.13 -18.96 18.40
CA LEU D 21 -17.49 -19.25 17.11
C LEU D 21 -16.24 -18.38 16.87
N ILE D 22 -16.36 -17.08 17.12
CA ILE D 22 -15.25 -16.15 16.95
C ILE D 22 -14.12 -16.54 17.89
N GLN D 23 -14.47 -16.91 19.13
CA GLN D 23 -13.47 -17.34 20.11
C GLN D 23 -12.70 -18.53 19.55
N GLN D 24 -13.42 -19.53 19.05
CA GLN D 24 -12.79 -20.70 18.45
C GLN D 24 -11.85 -20.28 17.31
N ALA D 25 -12.33 -19.43 16.41
CA ALA D 25 -11.53 -18.95 15.28
C ALA D 25 -10.24 -18.28 15.76
N TYR D 26 -10.39 -17.31 16.65
CA TYR D 26 -9.29 -16.56 17.25
C TYR D 26 -8.29 -17.54 17.84
N ASN D 27 -8.81 -18.52 18.59
CA ASN D 27 -8.00 -19.56 19.23
C ASN D 27 -7.19 -20.30 18.16
N GLU D 28 -7.84 -20.73 17.08
CA GLU D 28 -7.19 -21.45 15.99
C GLU D 28 -6.07 -20.65 15.30
N VAL D 29 -6.34 -19.38 14.99
CA VAL D 29 -5.33 -18.56 14.33
C VAL D 29 -4.13 -18.34 15.24
N LYS D 30 -4.39 -18.16 16.54
CA LYS D 30 -3.29 -17.95 17.49
C LYS D 30 -2.39 -19.19 17.61
N THR D 31 -2.99 -20.37 17.72
CA THR D 31 -2.16 -21.57 17.80
C THR D 31 -1.37 -21.68 16.49
N SER D 32 -2.03 -21.35 15.37
CA SER D 32 -1.37 -21.41 14.08
C SER D 32 -0.20 -20.44 13.96
N ILE D 33 -0.37 -19.19 14.42
CA ILE D 33 0.73 -18.23 14.31
C ILE D 33 1.90 -18.59 15.21
N CYS D 34 1.62 -19.29 16.31
CA CYS D 34 2.66 -19.73 17.22
C CYS D 34 3.40 -20.95 16.69
N SER D 35 2.77 -21.67 15.76
CA SER D 35 3.32 -22.86 15.13
C SER D 35 4.70 -22.82 14.47
N PRO D 36 4.94 -21.88 13.53
CA PRO D 36 6.27 -21.83 12.89
C PRO D 36 7.50 -21.89 13.80
N ILE D 37 8.37 -22.85 13.53
CA ILE D 37 9.59 -23.08 14.30
C ILE D 37 10.82 -22.98 13.41
N TRP D 38 12.00 -22.84 14.00
CA TRP D 38 13.24 -22.74 13.24
C TRP D 38 14.43 -23.01 14.17
N PRO D 39 15.37 -23.88 13.76
CA PRO D 39 15.37 -24.64 12.49
C PRO D 39 14.32 -25.74 12.54
N ALA D 40 14.25 -26.54 11.48
CA ALA D 40 13.29 -27.64 11.42
C ALA D 40 13.39 -28.58 12.60
N THR D 41 14.62 -28.87 13.02
CA THR D 41 14.86 -29.76 14.14
C THR D 41 14.48 -29.21 15.51
N SER D 42 13.95 -27.99 15.55
CA SER D 42 13.58 -27.38 16.82
C SER D 42 12.08 -27.39 17.12
N LYS D 43 11.75 -27.05 18.37
CA LYS D 43 10.38 -26.97 18.83
C LYS D 43 9.99 -25.50 18.99
N THR D 44 10.97 -24.62 18.82
CA THR D 44 10.74 -23.18 18.95
C THR D 44 11.30 -22.46 17.72
N PHE D 45 11.14 -21.15 17.67
CA PHE D 45 11.67 -20.37 16.56
C PHE D 45 12.83 -19.52 17.03
N THR D 46 14.00 -19.76 16.44
CA THR D 46 15.20 -19.02 16.77
C THR D 46 15.69 -18.35 15.50
N ILE D 47 15.70 -17.02 15.51
CA ILE D 47 16.15 -16.24 14.37
C ILE D 47 17.65 -15.94 14.44
N ASN D 48 18.35 -16.12 13.33
CA ASN D 48 19.78 -15.86 13.23
C ASN D 48 19.93 -14.33 13.29
N ASN D 49 20.67 -13.86 14.27
CA ASN D 49 20.86 -12.42 14.47
C ASN D 49 22.27 -11.95 14.15
N THR D 50 22.93 -12.56 13.18
CA THR D 50 24.30 -12.17 12.86
C THR D 50 24.42 -10.79 12.24
N GLU D 51 23.41 -10.39 11.48
CA GLU D 51 23.43 -9.11 10.79
C GLU D 51 22.03 -8.61 10.48
N LYS D 52 21.88 -7.29 10.41
CA LYS D 52 20.59 -6.67 10.12
C LYS D 52 20.13 -7.14 8.74
N ASN D 53 18.85 -7.48 8.64
CA ASN D 53 18.23 -7.96 7.39
C ASN D 53 18.90 -9.20 6.78
N CYS D 54 19.51 -10.05 7.60
CA CYS D 54 20.21 -11.25 7.09
C CYS D 54 19.35 -12.47 6.70
N ASN D 55 18.10 -12.50 7.15
CA ASN D 55 17.21 -13.61 6.85
C ASN D 55 16.12 -13.32 5.81
N GLY D 56 15.87 -14.28 4.94
CA GLY D 56 14.81 -14.16 3.96
C GLY D 56 13.53 -14.39 4.75
N VAL D 57 12.36 -14.34 4.10
CA VAL D 57 11.11 -14.51 4.83
C VAL D 57 10.18 -15.64 4.37
N VAL D 58 10.35 -16.12 3.14
CA VAL D 58 9.46 -17.13 2.58
C VAL D 58 9.05 -18.32 3.48
N PRO D 59 10.02 -19.10 3.98
CA PRO D 59 9.71 -20.26 4.83
C PRO D 59 8.87 -20.01 6.09
N ILE D 60 8.92 -18.81 6.63
CA ILE D 60 8.21 -18.50 7.86
C ILE D 60 6.72 -18.86 7.97
N LYS D 61 5.94 -18.68 6.90
CA LYS D 61 4.51 -18.98 7.01
C LYS D 61 4.06 -20.42 6.76
N GLU D 62 4.97 -21.27 6.29
CA GLU D 62 4.61 -22.65 5.99
C GLU D 62 3.84 -23.36 7.09
N LEU D 63 4.43 -23.50 8.27
CA LEU D 63 3.76 -24.17 9.40
C LEU D 63 2.46 -23.53 9.80
N CYS D 64 2.39 -22.21 9.75
CA CYS D 64 1.17 -21.50 10.10
C CYS D 64 0.06 -21.96 9.17
N TYR D 65 0.34 -21.93 7.87
CA TYR D 65 -0.63 -22.35 6.87
C TYR D 65 -1.03 -23.81 6.99
N THR D 66 -0.03 -24.68 7.15
CA THR D 66 -0.24 -26.11 7.31
C THR D 66 -1.31 -26.40 8.36
N LEU D 67 -1.08 -25.90 9.56
CA LEU D 67 -2.02 -26.08 10.66
C LEU D 67 -3.42 -25.63 10.28
N LEU D 68 -3.55 -24.34 9.92
CA LEU D 68 -4.83 -23.77 9.54
C LEU D 68 -5.58 -24.62 8.52
N GLU D 69 -4.90 -25.01 7.45
CA GLU D 69 -5.48 -25.82 6.40
C GLU D 69 -5.82 -27.26 6.79
N ASP D 70 -4.81 -28.00 7.22
CA ASP D 70 -4.97 -29.40 7.58
C ASP D 70 -5.68 -29.64 8.90
N THR D 71 -5.14 -29.08 9.97
CA THR D 71 -5.72 -29.29 11.29
C THR D 71 -7.02 -28.52 11.51
N TYR D 72 -7.08 -27.29 11.01
CA TYR D 72 -8.25 -26.45 11.22
C TYR D 72 -9.21 -26.30 10.07
N ASN D 73 -8.81 -26.77 8.88
CA ASN D 73 -9.66 -26.71 7.69
C ASN D 73 -9.99 -25.34 7.14
N TRP D 74 -9.07 -24.40 7.25
CA TRP D 74 -9.26 -23.06 6.70
C TRP D 74 -9.00 -23.19 5.20
N TYR D 75 -9.63 -22.33 4.41
CA TYR D 75 -9.44 -22.31 2.97
C TYR D 75 -8.42 -21.25 2.55
N ARG D 76 -7.46 -21.65 1.73
CA ARG D 76 -6.42 -20.75 1.23
C ARG D 76 -6.89 -20.01 -0.02
N GLU D 77 -6.36 -18.82 -0.22
CA GLU D 77 -6.66 -17.99 -1.39
C GLU D 77 -8.14 -17.91 -1.75
N LYS D 78 -8.95 -17.40 -0.81
CA LYS D 78 -10.38 -17.26 -1.03
C LYS D 78 -10.65 -15.94 -1.78
N PRO D 79 -11.23 -16.02 -2.99
CA PRO D 79 -11.54 -14.83 -3.77
C PRO D 79 -12.82 -14.17 -3.27
N LEU D 80 -12.78 -12.86 -3.04
CA LEU D 80 -13.95 -12.15 -2.58
C LEU D 80 -14.80 -11.80 -3.78
N ASP D 81 -16.11 -11.92 -3.62
CA ASP D 81 -17.06 -11.61 -4.69
C ASP D 81 -16.88 -10.22 -5.30
N ILE D 82 -16.77 -9.19 -4.47
CA ILE D 82 -16.60 -7.84 -5.01
C ILE D 82 -15.43 -7.75 -5.97
N LEU D 83 -14.36 -8.47 -5.69
CA LEU D 83 -13.18 -8.44 -6.55
C LEU D 83 -13.23 -9.42 -7.71
N LYS D 84 -13.60 -10.66 -7.44
CA LYS D 84 -13.67 -11.69 -8.46
C LYS D 84 -14.88 -11.56 -9.39
N LEU D 85 -16.05 -11.44 -8.79
CA LEU D 85 -17.30 -11.37 -9.53
C LEU D 85 -17.75 -10.01 -10.01
N GLU D 86 -17.84 -9.07 -9.07
CA GLU D 86 -18.31 -7.73 -9.40
C GLU D 86 -17.31 -6.88 -10.19
N LYS D 87 -16.20 -6.52 -9.57
CA LYS D 87 -15.18 -5.69 -10.20
C LYS D 87 -14.29 -6.41 -11.21
N LYS D 88 -14.17 -7.72 -11.07
CA LYS D 88 -13.35 -8.53 -11.97
C LYS D 88 -11.95 -7.93 -12.04
N LYS D 89 -11.40 -7.65 -10.86
CA LYS D 89 -10.07 -7.05 -10.70
C LYS D 89 -9.64 -7.28 -9.25
N GLY D 90 -8.46 -7.88 -9.06
CA GLY D 90 -7.96 -8.13 -7.72
C GLY D 90 -7.89 -9.62 -7.42
N GLY D 91 -6.92 -10.00 -6.58
CA GLY D 91 -6.73 -11.38 -6.20
C GLY D 91 -7.45 -11.72 -4.91
N PRO D 92 -7.23 -12.93 -4.36
CA PRO D 92 -7.84 -13.45 -3.13
C PRO D 92 -7.13 -13.07 -1.82
N ILE D 93 -7.80 -13.38 -0.72
CA ILE D 93 -7.25 -13.16 0.62
C ILE D 93 -6.60 -14.49 1.03
N ASP D 94 -5.51 -14.44 1.78
CA ASP D 94 -4.77 -15.62 2.20
C ASP D 94 -5.53 -16.81 2.73
N VAL D 95 -6.32 -16.59 3.76
CA VAL D 95 -7.09 -17.65 4.38
C VAL D 95 -8.48 -17.18 4.77
N TYR D 96 -9.42 -18.10 4.73
CA TYR D 96 -10.82 -17.83 5.05
C TYR D 96 -11.46 -19.10 5.59
N LYS D 97 -12.45 -18.94 6.45
CA LYS D 97 -13.15 -20.09 6.99
C LYS D 97 -14.49 -19.69 7.57
N GLU D 98 -15.47 -20.56 7.40
CA GLU D 98 -16.81 -20.34 7.93
C GLU D 98 -17.02 -21.21 9.16
N PHE D 99 -17.39 -20.57 10.26
CA PHE D 99 -17.67 -21.24 11.51
C PHE D 99 -19.19 -21.28 11.60
N ILE D 100 -19.73 -22.48 11.79
CA ILE D 100 -21.16 -22.70 11.86
C ILE D 100 -21.63 -23.37 13.14
N GLU D 101 -22.70 -22.80 13.68
CA GLU D 101 -23.39 -23.28 14.88
C GLU D 101 -24.82 -22.99 14.44
N ASN D 102 -25.35 -23.87 13.59
CA ASN D 102 -26.68 -23.74 12.99
C ASN D 102 -27.56 -22.58 13.42
N SER D 103 -27.86 -21.73 12.44
CA SER D 103 -28.63 -20.49 12.56
C SER D 103 -27.63 -19.34 12.64
N GLU D 104 -26.45 -19.65 13.17
CA GLU D 104 -25.37 -18.68 13.29
C GLU D 104 -24.23 -19.05 12.37
N LEU D 105 -23.79 -18.08 11.57
CA LEU D 105 -22.68 -18.27 10.66
C LEU D 105 -21.69 -17.12 10.86
N LYS D 106 -20.41 -17.47 10.99
CA LYS D 106 -19.36 -16.46 11.14
C LYS D 106 -18.28 -16.78 10.12
N ARG D 107 -17.97 -15.81 9.28
CA ARG D 107 -16.95 -16.00 8.26
C ARG D 107 -15.78 -15.12 8.64
N VAL D 108 -14.59 -15.73 8.72
CA VAL D 108 -13.39 -15.00 9.09
C VAL D 108 -12.39 -14.98 7.94
N GLY D 109 -11.86 -13.81 7.64
CA GLY D 109 -10.87 -13.66 6.59
C GLY D 109 -9.55 -13.25 7.23
N MET D 110 -8.44 -13.75 6.72
CA MET D 110 -7.16 -13.40 7.32
C MET D 110 -6.04 -13.27 6.31
N GLU D 111 -5.08 -12.40 6.63
CA GLU D 111 -3.93 -12.17 5.77
C GLU D 111 -2.62 -12.33 6.55
N PHE D 112 -1.77 -13.25 6.12
CA PHE D 112 -0.49 -13.45 6.76
C PHE D 112 0.36 -12.45 6.00
N GLU D 113 0.95 -11.50 6.72
CA GLU D 113 1.73 -10.45 6.10
C GLU D 113 3.25 -10.45 6.31
N THR D 114 3.98 -10.85 5.27
CA THR D 114 5.44 -10.84 5.29
C THR D 114 5.99 -10.13 4.04
N GLY D 115 5.10 -9.51 3.29
CA GLY D 115 5.52 -8.78 2.11
C GLY D 115 5.97 -7.42 2.57
N ASN D 116 6.33 -6.55 1.63
CA ASN D 116 6.76 -5.19 1.94
C ASN D 116 5.65 -4.51 2.76
N ILE D 117 6.03 -3.60 3.65
CA ILE D 117 5.05 -2.86 4.47
C ILE D 117 3.92 -2.25 3.61
N SER D 118 4.23 -1.78 2.40
CA SER D 118 3.22 -1.20 1.52
C SER D 118 2.15 -2.25 1.16
N SER D 119 2.60 -3.49 1.00
CA SER D 119 1.70 -4.58 0.66
C SER D 119 0.70 -4.83 1.81
N ALA D 120 1.10 -4.52 3.03
CA ALA D 120 0.23 -4.66 4.18
C ALA D 120 -0.97 -3.73 4.02
N HIS D 121 -0.77 -2.59 3.35
CA HIS D 121 -1.85 -1.64 3.11
C HIS D 121 -2.85 -2.25 2.14
N ARG D 122 -2.36 -2.94 1.13
CA ARG D 122 -3.25 -3.59 0.17
C ARG D 122 -4.06 -4.67 0.91
N SER D 123 -3.38 -5.48 1.72
CA SER D 123 -4.06 -6.53 2.48
C SER D 123 -5.14 -5.96 3.40
N MET D 124 -4.81 -4.92 4.17
CA MET D 124 -5.77 -4.29 5.06
C MET D 124 -6.97 -3.74 4.29
N ASN D 125 -6.73 -3.14 3.13
CA ASN D 125 -7.81 -2.59 2.31
C ASN D 125 -8.72 -3.65 1.71
N LYS D 126 -8.13 -4.76 1.29
CA LYS D 126 -8.89 -5.88 0.73
C LYS D 126 -9.80 -6.46 1.81
N LEU D 127 -9.26 -6.69 3.00
CA LEU D 127 -10.05 -7.18 4.11
C LEU D 127 -11.16 -6.17 4.39
N LEU D 128 -10.84 -4.87 4.26
CA LEU D 128 -11.81 -3.82 4.46
C LEU D 128 -12.96 -3.90 3.45
N LEU D 129 -12.64 -4.20 2.19
CA LEU D 129 -13.68 -4.35 1.18
C LEU D 129 -14.59 -5.53 1.55
N GLY D 130 -13.98 -6.64 1.93
CA GLY D 130 -14.74 -7.81 2.32
C GLY D 130 -15.69 -7.48 3.46
N LEU D 131 -15.17 -6.83 4.49
CA LEU D 131 -15.98 -6.43 5.63
C LEU D 131 -17.12 -5.54 5.19
N LYS D 132 -16.77 -4.47 4.48
CA LYS D 132 -17.72 -3.49 3.97
C LYS D 132 -18.79 -4.14 3.12
N HIS D 133 -18.43 -5.19 2.40
CA HIS D 133 -19.40 -5.89 1.55
C HIS D 133 -20.01 -7.12 2.20
N GLY D 134 -19.97 -7.16 3.52
CA GLY D 134 -20.54 -8.26 4.28
C GLY D 134 -20.13 -9.65 3.84
N GLU D 135 -18.89 -9.83 3.38
CA GLU D 135 -18.40 -11.14 2.95
C GLU D 135 -17.68 -11.87 4.08
N ILE D 136 -17.26 -11.11 5.08
CA ILE D 136 -16.59 -11.65 6.25
C ILE D 136 -17.09 -10.85 7.45
N ASP D 137 -17.05 -11.46 8.63
CA ASP D 137 -17.52 -10.85 9.86
C ASP D 137 -16.36 -10.44 10.77
N LEU D 138 -15.14 -10.73 10.34
CA LEU D 138 -13.94 -10.40 11.11
C LEU D 138 -12.72 -10.52 10.20
N ALA D 139 -11.81 -9.57 10.34
CA ALA D 139 -10.58 -9.55 9.57
C ALA D 139 -9.39 -9.62 10.51
N ILE D 140 -8.36 -10.36 10.11
CA ILE D 140 -7.18 -10.50 10.95
C ILE D 140 -5.93 -10.42 10.09
N ILE D 141 -4.89 -9.78 10.63
CA ILE D 141 -3.61 -9.68 9.93
C ILE D 141 -2.49 -10.15 10.87
N LEU D 142 -1.61 -11.02 10.37
CA LEU D 142 -0.49 -11.52 11.16
C LEU D 142 0.79 -10.93 10.57
N MET D 143 1.64 -10.33 11.39
CA MET D 143 2.87 -9.74 10.86
C MET D 143 3.94 -9.68 11.94
N PRO D 144 5.22 -9.70 11.55
CA PRO D 144 6.28 -9.64 12.57
C PRO D 144 6.35 -8.29 13.26
N ILE D 145 6.89 -8.27 14.47
CA ILE D 145 7.04 -7.01 15.15
C ILE D 145 8.39 -6.49 14.65
N LYS D 146 8.66 -5.20 14.85
CA LYS D 146 9.89 -4.58 14.40
C LYS D 146 11.15 -5.31 14.86
N GLN D 147 11.19 -5.72 16.13
CA GLN D 147 12.36 -6.39 16.70
C GLN D 147 12.76 -7.62 15.90
N LEU D 148 11.76 -8.41 15.52
CA LEU D 148 12.01 -9.59 14.71
C LEU D 148 12.35 -9.15 13.29
N ALA D 149 11.56 -8.23 12.74
CA ALA D 149 11.75 -7.73 11.37
C ALA D 149 13.15 -7.20 11.09
N TYR D 150 13.80 -6.72 12.13
CA TYR D 150 15.14 -6.20 11.98
C TYR D 150 16.11 -7.17 11.35
N TYR D 151 15.85 -8.46 11.54
CA TYR D 151 16.72 -9.50 10.99
C TYR D 151 16.15 -10.21 9.77
N LEU D 152 15.08 -9.67 9.21
CA LEU D 152 14.41 -10.20 8.03
C LEU D 152 14.71 -9.24 6.89
N THR D 153 14.34 -9.61 5.67
CA THR D 153 14.60 -8.76 4.52
C THR D 153 14.09 -7.35 4.77
N ASP D 154 14.87 -6.37 4.34
CA ASP D 154 14.54 -4.97 4.53
C ASP D 154 13.17 -4.53 4.03
N ARG D 155 12.49 -3.76 4.87
CA ARG D 155 11.17 -3.19 4.57
C ARG D 155 9.95 -4.11 4.61
N VAL D 156 10.10 -5.30 5.18
CA VAL D 156 8.96 -6.19 5.29
C VAL D 156 8.02 -5.65 6.35
N THR D 157 6.73 -5.94 6.22
CA THR D 157 5.74 -5.46 7.17
C THR D 157 6.13 -5.72 8.62
N ASN D 158 5.95 -4.71 9.47
CA ASN D 158 6.21 -4.84 10.89
C ASN D 158 5.06 -4.13 11.60
N PHE D 159 4.57 -4.73 12.67
CA PHE D 159 3.45 -4.22 13.46
C PHE D 159 3.43 -2.72 13.74
N GLU D 160 4.56 -2.20 14.22
CA GLU D 160 4.71 -0.81 14.57
C GLU D 160 4.55 0.16 13.40
N GLU D 161 4.93 -0.25 12.19
CA GLU D 161 4.83 0.63 11.03
C GLU D 161 3.42 0.75 10.45
N LEU D 162 2.63 -0.32 10.56
CA LEU D 162 1.26 -0.29 10.06
C LEU D 162 0.35 0.29 11.14
N GLU D 163 0.81 0.20 12.38
CA GLU D 163 0.06 0.69 13.52
C GLU D 163 -0.61 2.05 13.38
N PRO D 164 0.12 3.09 12.93
CA PRO D 164 -0.54 4.38 12.79
C PRO D 164 -1.77 4.38 11.88
N TYR D 165 -1.92 3.34 11.07
CA TYR D 165 -3.06 3.23 10.16
C TYR D 165 -4.16 2.30 10.67
N PHE D 166 -3.97 1.68 11.83
CA PHE D 166 -4.98 0.77 12.37
C PHE D 166 -6.34 1.48 12.49
N GLU D 167 -6.32 2.77 12.80
CA GLU D 167 -7.55 3.54 12.95
C GLU D 167 -8.45 3.59 11.70
N LEU D 168 -7.92 3.22 10.55
CA LEU D 168 -8.72 3.21 9.33
C LEU D 168 -9.72 2.05 9.31
N THR D 169 -9.67 1.20 10.33
CA THR D 169 -10.59 0.08 10.42
C THR D 169 -11.68 0.34 11.47
N GLU D 170 -11.78 1.59 11.92
CA GLU D 170 -12.78 1.96 12.91
C GLU D 170 -14.17 1.53 12.45
N GLY D 171 -14.90 0.88 13.35
CA GLY D 171 -16.24 0.43 13.05
C GLY D 171 -16.31 -0.96 12.43
N GLN D 172 -15.16 -1.61 12.25
CA GLN D 172 -15.13 -2.94 11.67
C GLN D 172 -14.44 -3.89 12.64
N PRO D 173 -14.82 -5.18 12.64
CA PRO D 173 -14.20 -6.15 13.54
C PRO D 173 -12.84 -6.49 12.95
N PHE D 174 -11.79 -5.91 13.53
CA PHE D 174 -10.42 -6.13 13.03
C PHE D 174 -9.44 -6.45 14.16
N ILE D 175 -8.55 -7.40 13.89
CA ILE D 175 -7.54 -7.80 14.84
C ILE D 175 -6.19 -7.78 14.14
N PHE D 176 -5.22 -7.11 14.76
CA PHE D 176 -3.87 -7.05 14.21
C PHE D 176 -2.96 -7.69 15.24
N ILE D 177 -2.19 -8.70 14.83
CA ILE D 177 -1.28 -9.32 15.77
C ILE D 177 0.18 -9.39 15.29
N GLY D 178 1.08 -8.99 16.18
CA GLY D 178 2.50 -8.98 15.89
C GLY D 178 3.20 -10.14 16.56
N PHE D 179 3.83 -10.99 15.77
CA PHE D 179 4.53 -12.17 16.30
C PHE D 179 6.02 -11.91 16.41
N ASN D 180 6.68 -12.67 17.28
CA ASN D 180 8.11 -12.53 17.51
C ASN D 180 8.72 -13.93 17.67
N ALA D 181 10.04 -14.03 17.50
CA ALA D 181 10.73 -15.30 17.66
C ALA D 181 10.92 -15.54 19.16
N GLU D 182 11.25 -16.77 19.53
CA GLU D 182 11.48 -17.10 20.94
C GLU D 182 12.90 -16.76 21.34
N ALA D 183 13.81 -16.83 20.37
CA ALA D 183 15.21 -16.54 20.62
C ALA D 183 15.90 -15.98 19.39
N TYR D 184 16.98 -15.24 19.65
CA TYR D 184 17.81 -14.65 18.60
C TYR D 184 19.15 -15.24 18.99
N ASN D 185 19.79 -16.00 18.10
CA ASN D 185 21.03 -16.64 18.50
C ASN D 185 21.94 -17.09 17.36
N SER D 186 22.86 -17.99 17.73
CA SER D 186 23.80 -18.63 16.82
C SER D 186 22.93 -19.70 16.16
N ASN D 187 23.41 -20.27 15.07
CA ASN D 187 22.61 -21.27 14.39
C ASN D 187 23.43 -22.04 13.40
N VAL D 188 22.85 -23.15 12.94
CA VAL D 188 23.44 -23.95 11.90
C VAL D 188 22.90 -23.25 10.63
N PRO D 189 21.62 -22.81 10.65
CA PRO D 189 21.06 -22.14 9.48
C PRO D 189 20.84 -20.63 9.60
N LEU D 190 20.34 -20.08 8.51
CA LEU D 190 19.99 -18.67 8.31
C LEU D 190 18.85 -18.86 7.31
N ILE D 191 17.72 -18.18 7.50
CA ILE D 191 16.61 -18.34 6.56
C ILE D 191 17.06 -17.84 5.19
N PRO D 192 17.07 -18.74 4.17
CA PRO D 192 17.48 -18.43 2.80
C PRO D 192 16.66 -17.33 2.11
N LYS D 193 17.29 -16.65 1.15
CA LYS D 193 16.64 -15.58 0.42
C LYS D 193 16.43 -15.93 -1.05
N GLY D 194 15.41 -15.32 -1.65
CA GLY D 194 15.16 -15.52 -3.06
C GLY D 194 15.93 -14.44 -3.83
N SER D 195 15.82 -14.45 -5.15
CA SER D 195 16.52 -13.47 -6.00
C SER D 195 15.59 -12.34 -6.43
N ASP D 196 14.57 -12.08 -5.61
CA ASP D 196 13.59 -11.05 -5.89
C ASP D 196 14.18 -9.64 -5.99
N GLY D 197 13.43 -8.77 -6.66
CA GLY D 197 13.79 -7.37 -6.82
C GLY D 197 15.24 -6.99 -7.01
N MET D 198 15.77 -6.22 -6.06
CA MET D 198 17.13 -5.73 -6.12
C MET D 198 18.23 -6.67 -5.57
N SER D 199 17.88 -7.93 -5.33
CA SER D 199 18.84 -8.92 -4.88
C SER D 199 19.94 -8.95 -5.95
N LYS D 200 21.19 -9.17 -5.53
CA LYS D 200 22.30 -9.23 -6.47
C LYS D 200 22.17 -10.41 -7.44
N ARG D 201 21.27 -11.33 -7.12
CA ARG D 201 21.05 -12.51 -7.95
C ARG D 201 20.01 -12.33 -9.05
N SER D 202 19.19 -11.29 -8.93
CA SER D 202 18.15 -11.00 -9.91
C SER D 202 18.73 -10.53 -11.25
N ILE D 203 18.05 -10.86 -12.34
CA ILE D 203 18.48 -10.46 -13.67
C ILE D 203 18.03 -9.04 -13.98
N LYS D 204 19.02 -8.19 -14.25
CA LYS D 204 18.81 -6.80 -14.58
C LYS D 204 19.55 -6.56 -15.89
N LYS D 205 18.77 -6.26 -16.92
CA LYS D 205 19.29 -6.03 -18.28
C LYS D 205 19.87 -4.65 -18.50
N TRP D 206 19.58 -3.72 -17.61
CA TRP D 206 20.03 -2.32 -17.73
C TRP D 206 21.43 -1.87 -17.38
N MET E 1 2.45 14.42 -22.11
CA MET E 1 1.72 13.32 -21.41
C MET E 1 0.27 13.80 -21.40
N GLU E 2 -0.68 12.87 -21.25
CA GLU E 2 -2.09 13.24 -21.25
C GLU E 2 -2.92 12.44 -20.26
N VAL E 3 -4.02 13.04 -19.80
CA VAL E 3 -4.93 12.37 -18.87
C VAL E 3 -5.95 11.55 -19.67
N GLU E 4 -6.10 10.27 -19.31
CA GLU E 4 -7.03 9.40 -20.01
C GLU E 4 -8.15 8.86 -19.15
N LYS E 5 -7.83 8.51 -17.91
CA LYS E 5 -8.83 7.99 -16.99
C LYS E 5 -8.85 8.87 -15.77
N GLU E 6 -9.98 8.88 -15.08
CA GLU E 6 -10.11 9.71 -13.90
C GLU E 6 -11.34 9.37 -13.09
N PHE E 7 -11.21 9.40 -11.77
CA PHE E 7 -12.33 9.16 -10.89
C PHE E 7 -12.33 10.31 -9.90
N ILE E 8 -13.49 10.93 -9.72
CA ILE E 8 -13.67 12.06 -8.82
C ILE E 8 -14.84 11.74 -7.89
N THR E 9 -14.59 11.69 -6.59
CA THR E 9 -15.65 11.38 -5.63
C THR E 9 -16.71 12.48 -5.68
N ASP E 10 -17.89 12.22 -5.14
CA ASP E 10 -18.95 13.21 -5.14
C ASP E 10 -18.53 14.47 -4.40
N GLU E 11 -17.79 14.29 -3.31
CA GLU E 11 -17.31 15.41 -2.51
C GLU E 11 -16.35 16.28 -3.33
N ALA E 12 -15.42 15.65 -4.02
CA ALA E 12 -14.47 16.38 -4.86
C ALA E 12 -15.24 17.10 -5.98
N LYS E 13 -16.27 16.44 -6.54
CA LYS E 13 -17.11 17.03 -7.59
C LYS E 13 -17.69 18.34 -7.09
N GLU E 14 -18.28 18.31 -5.90
CA GLU E 14 -18.86 19.49 -5.28
C GLU E 14 -17.87 20.64 -5.23
N LEU E 15 -16.71 20.39 -4.62
CA LEU E 15 -15.66 21.40 -4.53
C LEU E 15 -15.36 21.98 -5.90
N LEU E 16 -15.04 21.11 -6.85
CA LEU E 16 -14.71 21.54 -8.20
C LEU E 16 -15.76 22.42 -8.85
N SER E 17 -17.03 22.15 -8.61
CA SER E 17 -18.07 22.96 -9.20
C SER E 17 -18.25 24.35 -8.58
N LYS E 18 -18.28 24.42 -7.25
CA LYS E 18 -18.49 25.69 -6.58
C LYS E 18 -17.34 26.40 -5.87
N ASP E 19 -16.11 25.91 -6.03
CA ASP E 19 -14.98 26.55 -5.36
C ASP E 19 -13.85 26.94 -6.31
N LYS E 20 -13.60 28.24 -6.43
CA LYS E 20 -12.55 28.74 -7.31
C LYS E 20 -11.14 28.24 -6.95
N LEU E 21 -10.78 28.23 -5.66
CA LEU E 21 -9.45 27.78 -5.24
C LEU E 21 -9.21 26.32 -5.65
N ILE E 22 -10.21 25.46 -5.43
CA ILE E 22 -10.11 24.05 -5.80
C ILE E 22 -9.98 23.92 -7.32
N GLN E 23 -10.78 24.70 -8.06
CA GLN E 23 -10.72 24.68 -9.52
C GLN E 23 -9.30 25.02 -9.94
N GLN E 24 -8.73 26.05 -9.33
CA GLN E 24 -7.36 26.47 -9.63
C GLN E 24 -6.39 25.31 -9.35
N ALA E 25 -6.48 24.72 -8.17
CA ALA E 25 -5.63 23.61 -7.77
C ALA E 25 -5.70 22.50 -8.81
N TYR E 26 -6.92 22.08 -9.13
CA TYR E 26 -7.13 21.03 -10.10
C TYR E 26 -6.46 21.36 -11.45
N ASN E 27 -6.65 22.58 -11.94
CA ASN E 27 -6.04 22.99 -13.20
C ASN E 27 -4.53 22.97 -13.18
N GLU E 28 -3.92 23.41 -12.08
CA GLU E 28 -2.47 23.39 -11.98
C GLU E 28 -1.97 21.95 -12.04
N VAL E 29 -2.67 21.05 -11.35
CA VAL E 29 -2.33 19.63 -11.34
C VAL E 29 -2.42 19.05 -12.76
N LYS E 30 -3.56 19.29 -13.41
CA LYS E 30 -3.80 18.79 -14.75
C LYS E 30 -2.72 19.24 -15.74
N THR E 31 -2.38 20.52 -15.71
CA THR E 31 -1.33 21.07 -16.59
C THR E 31 0.02 20.41 -16.30
N SER E 32 0.32 20.21 -15.02
CA SER E 32 1.58 19.60 -14.62
C SER E 32 1.71 18.14 -15.06
N ILE E 33 0.65 17.34 -14.87
CA ILE E 33 0.68 15.93 -15.26
C ILE E 33 0.74 15.74 -16.77
N CYS E 34 0.30 16.75 -17.52
CA CYS E 34 0.34 16.70 -18.98
C CYS E 34 1.68 17.19 -19.53
N SER E 35 2.45 17.89 -18.69
CA SER E 35 3.76 18.43 -19.11
C SER E 35 4.91 17.47 -19.44
N PRO E 36 4.95 16.28 -18.82
CA PRO E 36 6.05 15.38 -19.17
C PRO E 36 6.13 15.01 -20.66
N ILE E 37 7.31 15.17 -21.23
CA ILE E 37 7.57 14.84 -22.62
C ILE E 37 8.80 13.92 -22.67
N TRP E 38 8.98 13.22 -23.78
CA TRP E 38 10.11 12.31 -23.94
C TRP E 38 10.31 12.00 -25.41
N PRO E 39 11.55 12.11 -25.91
CA PRO E 39 12.75 12.51 -25.17
C PRO E 39 12.75 13.99 -24.79
N ALA E 40 13.79 14.42 -24.09
CA ALA E 40 13.93 15.80 -23.60
C ALA E 40 13.67 16.90 -24.63
N THR E 41 13.93 16.60 -25.90
CA THR E 41 13.76 17.57 -26.97
C THR E 41 12.42 17.51 -27.70
N SER E 42 11.52 16.64 -27.25
CA SER E 42 10.23 16.49 -27.90
C SER E 42 9.13 17.35 -27.31
N LYS E 43 8.05 17.47 -28.06
CA LYS E 43 6.89 18.22 -27.64
C LYS E 43 5.82 17.28 -27.08
N THR E 44 5.99 15.98 -27.25
CA THR E 44 5.04 15.00 -26.72
C THR E 44 5.81 13.90 -26.01
N PHE E 45 5.09 13.03 -25.31
CA PHE E 45 5.73 11.94 -24.62
C PHE E 45 5.56 10.67 -25.45
N THR E 46 6.65 10.19 -26.02
CA THR E 46 6.66 8.97 -26.79
C THR E 46 7.42 7.96 -25.96
N ILE E 47 6.78 6.83 -25.64
CA ILE E 47 7.41 5.80 -24.82
C ILE E 47 7.95 4.69 -25.72
N ASN E 48 9.17 4.24 -25.43
CA ASN E 48 9.80 3.16 -26.18
C ASN E 48 9.03 1.89 -25.83
N ASN E 49 8.52 1.21 -26.85
CA ASN E 49 7.72 0.01 -26.65
C ASN E 49 8.35 -1.27 -27.16
N THR E 50 9.67 -1.39 -27.04
CA THR E 50 10.33 -2.61 -27.52
C THR E 50 9.89 -3.87 -26.79
N GLU E 51 9.68 -3.77 -25.48
CA GLU E 51 9.24 -4.93 -24.71
C GLU E 51 8.61 -4.59 -23.39
N LYS E 52 7.95 -5.59 -22.82
CA LYS E 52 7.29 -5.45 -21.54
C LYS E 52 8.29 -4.97 -20.49
N ASN E 53 7.83 -4.03 -19.68
CA ASN E 53 8.61 -3.44 -18.59
C ASN E 53 9.95 -2.86 -18.97
N CYS E 54 10.14 -2.46 -20.22
CA CYS E 54 11.43 -1.94 -20.68
C CYS E 54 11.90 -0.55 -20.18
N ASN E 55 11.00 0.22 -19.57
CA ASN E 55 11.34 1.56 -19.11
C ASN E 55 11.30 1.81 -17.62
N GLY E 56 12.24 2.64 -17.17
CA GLY E 56 12.29 3.04 -15.77
C GLY E 56 11.18 4.06 -15.55
N VAL E 57 10.86 4.33 -14.29
CA VAL E 57 9.79 5.27 -13.97
C VAL E 57 10.19 6.65 -13.45
N VAL E 58 11.39 6.78 -12.89
CA VAL E 58 11.79 8.06 -12.31
C VAL E 58 11.80 9.31 -13.23
N PRO E 59 12.46 9.25 -14.40
CA PRO E 59 12.46 10.44 -15.28
C PRO E 59 11.07 10.95 -15.72
N ILE E 60 10.06 10.09 -15.66
CA ILE E 60 8.70 10.45 -16.07
C ILE E 60 8.07 11.56 -15.20
N LYS E 61 8.41 11.56 -13.91
CA LYS E 61 7.84 12.52 -12.96
C LYS E 61 8.50 13.89 -12.91
N GLU E 62 9.76 13.98 -13.32
CA GLU E 62 10.50 15.26 -13.23
C GLU E 62 9.83 16.53 -13.74
N LEU E 63 9.38 16.57 -14.98
CA LEU E 63 8.74 17.78 -15.52
C LEU E 63 7.48 18.18 -14.78
N CYS E 64 6.69 17.20 -14.35
CA CYS E 64 5.48 17.50 -13.62
C CYS E 64 5.85 18.14 -12.28
N TYR E 65 6.75 17.51 -11.54
CA TYR E 65 7.19 18.05 -10.25
C TYR E 65 7.77 19.46 -10.42
N THR E 66 8.66 19.63 -11.40
CA THR E 66 9.29 20.90 -11.67
C THR E 66 8.27 22.03 -11.88
N LEU E 67 7.24 21.77 -12.68
CA LEU E 67 6.21 22.76 -12.94
C LEU E 67 5.44 23.07 -11.64
N LEU E 68 5.03 22.03 -10.92
CA LEU E 68 4.30 22.22 -9.67
C LEU E 68 5.11 23.06 -8.69
N GLU E 69 6.38 22.73 -8.52
CA GLU E 69 7.25 23.43 -7.60
C GLU E 69 7.69 24.81 -8.03
N ASP E 70 8.30 24.89 -9.20
CA ASP E 70 8.84 26.12 -9.75
C ASP E 70 7.87 27.09 -10.39
N THR E 71 6.81 26.59 -11.01
CA THR E 71 5.87 27.51 -11.63
C THR E 71 4.67 27.74 -10.74
N TYR E 72 4.16 26.67 -10.15
CA TYR E 72 2.97 26.77 -9.30
C TYR E 72 3.19 26.85 -7.80
N ASN E 73 4.45 26.81 -7.37
CA ASN E 73 4.82 26.90 -5.96
C ASN E 73 4.23 25.87 -5.01
N TRP E 74 4.14 24.63 -5.45
CA TRP E 74 3.65 23.55 -4.59
C TRP E 74 4.91 23.09 -3.84
N TYR E 75 4.73 22.57 -2.63
CA TYR E 75 5.84 22.09 -1.82
C TYR E 75 5.86 20.56 -1.77
N ARG E 76 7.01 20.03 -1.42
CA ARG E 76 7.21 18.60 -1.30
C ARG E 76 7.43 18.20 0.14
N GLU E 77 7.12 16.95 0.42
CA GLU E 77 7.31 16.38 1.74
C GLU E 77 6.62 17.15 2.87
N LYS E 78 5.29 17.16 2.85
CA LYS E 78 4.52 17.84 3.89
C LYS E 78 4.12 16.83 4.95
N PRO E 79 4.69 16.94 6.17
CA PRO E 79 4.31 15.98 7.20
C PRO E 79 2.91 16.26 7.71
N LEU E 80 2.17 15.21 8.04
CA LEU E 80 0.84 15.35 8.59
C LEU E 80 1.00 15.34 10.09
N ASP E 81 0.33 16.27 10.76
CA ASP E 81 0.39 16.38 12.20
C ASP E 81 0.06 15.09 12.93
N ILE E 82 -1.00 14.41 12.51
CA ILE E 82 -1.38 13.16 13.16
C ILE E 82 -0.27 12.11 13.12
N LEU E 83 0.56 12.13 12.08
CA LEU E 83 1.64 11.16 11.95
C LEU E 83 2.92 11.63 12.62
N LYS E 84 3.38 12.83 12.28
CA LYS E 84 4.61 13.36 12.82
C LYS E 84 4.52 13.76 14.29
N LEU E 85 3.47 14.48 14.64
CA LEU E 85 3.31 14.95 16.01
C LEU E 85 2.57 13.99 16.93
N GLU E 86 1.35 13.63 16.55
CA GLU E 86 0.55 12.74 17.39
C GLU E 86 1.12 11.33 17.54
N LYS E 87 1.05 10.54 16.47
CA LYS E 87 1.54 9.17 16.48
C LYS E 87 3.04 9.05 16.30
N LYS E 88 3.70 10.15 15.97
CA LYS E 88 5.15 10.17 15.73
C LYS E 88 5.65 8.90 15.05
N LYS E 89 4.99 8.55 13.94
CA LYS E 89 5.31 7.39 13.15
C LYS E 89 4.67 7.62 11.80
N GLY E 90 5.47 7.56 10.74
CA GLY E 90 4.93 7.79 9.41
C GLY E 90 5.64 8.92 8.69
N GLY E 91 5.75 8.78 7.36
CA GLY E 91 6.42 9.78 6.55
C GLY E 91 5.49 10.87 6.07
N PRO E 92 6.03 11.85 5.34
CA PRO E 92 5.24 12.98 4.82
C PRO E 92 4.43 12.65 3.57
N ILE E 93 3.64 13.63 3.16
CA ILE E 93 2.84 13.55 1.96
C ILE E 93 3.74 14.08 0.86
N ASP E 94 3.61 13.49 -0.33
CA ASP E 94 4.41 13.83 -1.49
C ASP E 94 4.43 15.29 -1.95
N VAL E 95 3.26 15.81 -2.34
CA VAL E 95 3.14 17.18 -2.82
C VAL E 95 2.04 17.85 -2.02
N TYR E 96 2.21 19.13 -1.72
CA TYR E 96 1.25 19.86 -0.93
C TYR E 96 1.27 21.36 -1.23
N LYS E 97 0.11 22.00 -1.15
CA LYS E 97 0.03 23.43 -1.38
C LYS E 97 -1.17 24.04 -0.67
N GLU E 98 -1.02 25.27 -0.20
CA GLU E 98 -2.11 25.98 0.47
C GLU E 98 -2.55 27.11 -0.43
N PHE E 99 -3.81 27.06 -0.85
CA PHE E 99 -4.39 28.06 -1.73
C PHE E 99 -5.10 29.06 -0.84
N ILE E 100 -4.96 30.35 -1.14
CA ILE E 100 -5.60 31.37 -0.34
C ILE E 100 -6.27 32.46 -1.16
N GLU E 101 -7.44 32.86 -0.68
CA GLU E 101 -8.19 33.95 -1.29
C GLU E 101 -8.81 34.68 -0.09
N ASN E 102 -8.25 35.85 0.23
CA ASN E 102 -8.77 36.62 1.36
C ASN E 102 -8.80 35.78 2.65
N SER E 103 -9.98 35.47 3.17
CA SER E 103 -10.05 34.70 4.40
C SER E 103 -10.16 33.20 4.19
N GLU E 104 -10.21 32.76 2.94
CA GLU E 104 -10.32 31.34 2.62
C GLU E 104 -9.00 30.63 2.39
N LEU E 105 -8.79 29.52 3.09
CA LEU E 105 -7.59 28.70 2.96
C LEU E 105 -8.00 27.27 2.58
N LYS E 106 -7.42 26.79 1.48
CA LYS E 106 -7.68 25.45 0.96
C LYS E 106 -6.34 24.71 0.87
N ARG E 107 -6.23 23.58 1.55
CA ARG E 107 -5.00 22.80 1.55
C ARG E 107 -5.20 21.53 0.72
N VAL E 108 -4.39 21.35 -0.31
CA VAL E 108 -4.49 20.18 -1.17
C VAL E 108 -3.27 19.28 -1.03
N GLY E 109 -3.52 18.00 -0.80
CA GLY E 109 -2.47 17.01 -0.65
C GLY E 109 -2.45 16.14 -1.89
N MET E 110 -1.26 15.86 -2.42
CA MET E 110 -1.17 15.06 -3.63
C MET E 110 -0.01 14.08 -3.63
N GLU E 111 -0.22 12.97 -4.34
CA GLU E 111 0.78 11.94 -4.47
C GLU E 111 0.97 11.58 -5.93
N PHE E 112 2.22 11.61 -6.40
CA PHE E 112 2.53 11.22 -7.76
C PHE E 112 3.09 9.79 -7.54
N GLU E 113 2.26 8.80 -7.83
CA GLU E 113 2.62 7.40 -7.65
C GLU E 113 3.19 6.66 -8.84
N THR E 114 4.45 6.26 -8.73
CA THR E 114 5.13 5.46 -9.76
C THR E 114 5.79 4.28 -9.04
N GLY E 115 5.45 4.11 -7.76
CA GLY E 115 6.00 3.02 -6.99
C GLY E 115 5.12 1.82 -7.22
N ASN E 116 5.45 0.70 -6.59
CA ASN E 116 4.68 -0.53 -6.71
C ASN E 116 3.20 -0.29 -6.37
N ILE E 117 2.31 -1.00 -7.03
CA ILE E 117 0.87 -0.86 -6.77
C ILE E 117 0.52 -0.92 -5.28
N SER E 118 1.25 -1.70 -4.49
CA SER E 118 0.99 -1.79 -3.06
C SER E 118 1.27 -0.45 -2.38
N SER E 119 2.28 0.26 -2.87
CA SER E 119 2.64 1.56 -2.33
C SER E 119 1.50 2.54 -2.57
N ALA E 120 0.78 2.39 -3.69
CA ALA E 120 -0.37 3.26 -4.00
C ALA E 120 -1.41 3.14 -2.89
N HIS E 121 -1.48 1.96 -2.26
CA HIS E 121 -2.40 1.72 -1.15
C HIS E 121 -1.96 2.54 0.09
N ARG E 122 -0.66 2.58 0.35
CA ARG E 122 -0.13 3.35 1.46
C ARG E 122 -0.41 4.83 1.18
N SER E 123 -0.08 5.29 -0.02
CA SER E 123 -0.33 6.68 -0.43
C SER E 123 -1.79 7.10 -0.23
N MET E 124 -2.71 6.23 -0.66
CA MET E 124 -4.12 6.51 -0.52
C MET E 124 -4.50 6.54 0.96
N ASN E 125 -4.00 5.60 1.74
CA ASN E 125 -4.29 5.55 3.17
C ASN E 125 -3.77 6.77 3.94
N LYS E 126 -2.57 7.25 3.60
CA LYS E 126 -2.01 8.41 4.28
C LYS E 126 -2.85 9.65 3.95
N LEU E 127 -3.20 9.84 2.69
CA LEU E 127 -4.02 10.98 2.30
C LEU E 127 -5.36 10.90 3.01
N LEU E 128 -5.92 9.69 3.07
CA LEU E 128 -7.20 9.44 3.73
C LEU E 128 -7.11 9.83 5.20
N LEU E 129 -5.99 9.51 5.84
CA LEU E 129 -5.76 9.82 7.25
C LEU E 129 -5.73 11.34 7.43
N GLY E 130 -5.05 12.03 6.52
CA GLY E 130 -4.96 13.49 6.55
C GLY E 130 -6.33 14.13 6.39
N LEU E 131 -7.10 13.60 5.45
CA LEU E 131 -8.46 14.07 5.18
C LEU E 131 -9.36 13.84 6.39
N LYS E 132 -9.36 12.61 6.91
CA LYS E 132 -10.18 12.31 8.08
C LYS E 132 -9.80 13.17 9.28
N HIS E 133 -8.55 13.61 9.34
CA HIS E 133 -8.13 14.45 10.45
C HIS E 133 -8.18 15.95 10.17
N GLY E 134 -8.85 16.31 9.08
CA GLY E 134 -9.02 17.71 8.71
C GLY E 134 -7.75 18.48 8.45
N GLU E 135 -6.74 17.81 7.91
CA GLU E 135 -5.48 18.47 7.61
C GLU E 135 -5.40 18.90 6.15
N ILE E 136 -6.15 18.24 5.28
CA ILE E 136 -6.21 18.59 3.86
C ILE E 136 -7.68 18.59 3.44
N ASP E 137 -8.01 19.45 2.49
CA ASP E 137 -9.38 19.60 2.02
C ASP E 137 -9.64 18.86 0.72
N LEU E 138 -8.57 18.33 0.11
CA LEU E 138 -8.67 17.58 -1.14
C LEU E 138 -7.44 16.69 -1.30
N ALA E 139 -7.65 15.44 -1.72
CA ALA E 139 -6.57 14.50 -1.94
C ALA E 139 -6.52 14.09 -3.42
N ILE E 140 -5.32 14.00 -3.97
CA ILE E 140 -5.16 13.64 -5.38
C ILE E 140 -4.05 12.62 -5.56
N ILE E 141 -4.28 11.66 -6.44
CA ILE E 141 -3.28 10.64 -6.76
C ILE E 141 -3.12 10.55 -8.27
N LEU E 142 -1.89 10.75 -8.74
CA LEU E 142 -1.58 10.67 -10.17
C LEU E 142 -0.89 9.33 -10.38
N MET E 143 -1.23 8.65 -11.47
CA MET E 143 -0.61 7.36 -11.76
C MET E 143 -0.79 6.97 -13.22
N PRO E 144 0.13 6.15 -13.74
CA PRO E 144 0.00 5.74 -15.14
C PRO E 144 -1.17 4.79 -15.33
N ILE E 145 -1.70 4.72 -16.55
CA ILE E 145 -2.79 3.77 -16.79
C ILE E 145 -2.14 2.44 -17.17
N LYS E 146 -2.89 1.36 -17.07
CA LYS E 146 -2.43 0.01 -17.38
C LYS E 146 -1.63 -0.11 -18.68
N GLN E 147 -2.11 0.51 -19.76
CA GLN E 147 -1.40 0.42 -21.04
C GLN E 147 0.01 1.00 -20.94
N LEU E 148 0.16 2.14 -20.28
CA LEU E 148 1.46 2.76 -20.13
C LEU E 148 2.32 1.93 -19.19
N ALA E 149 1.72 1.48 -18.09
CA ALA E 149 2.40 0.66 -17.08
C ALA E 149 3.05 -0.58 -17.68
N TYR E 150 2.42 -1.15 -18.71
CA TYR E 150 2.94 -2.33 -19.37
C TYR E 150 4.38 -2.15 -19.83
N TYR E 151 4.76 -0.94 -20.22
CA TYR E 151 6.12 -0.67 -20.69
C TYR E 151 7.04 -0.06 -19.65
N LEU E 152 6.55 0.06 -18.41
CA LEU E 152 7.32 0.61 -17.30
C LEU E 152 7.68 -0.53 -16.37
N THR E 153 8.52 -0.23 -15.38
CA THR E 153 8.97 -1.19 -14.38
C THR E 153 7.82 -2.06 -13.87
N ASP E 154 8.05 -3.37 -13.79
CA ASP E 154 7.04 -4.32 -13.35
C ASP E 154 6.37 -4.03 -12.01
N ARG E 155 5.03 -4.10 -12.04
CA ARG E 155 4.17 -3.90 -10.88
C ARG E 155 3.97 -2.45 -10.43
N VAL E 156 4.36 -1.48 -11.26
CA VAL E 156 4.18 -0.07 -10.93
C VAL E 156 2.68 0.24 -10.85
N THR E 157 2.33 1.17 -9.96
CA THR E 157 0.97 1.61 -9.77
C THR E 157 0.31 1.94 -11.10
N ASN E 158 -0.92 1.50 -11.28
CA ASN E 158 -1.68 1.78 -12.50
C ASN E 158 -3.15 1.96 -12.12
N PHE E 159 -3.77 2.95 -12.74
CA PHE E 159 -5.17 3.30 -12.49
C PHE E 159 -6.13 2.10 -12.31
N GLU E 160 -6.14 1.20 -13.30
CA GLU E 160 -7.00 0.02 -13.29
C GLU E 160 -6.84 -0.88 -12.08
N GLU E 161 -5.61 -1.15 -11.66
CA GLU E 161 -5.38 -2.02 -10.51
C GLU E 161 -5.79 -1.46 -9.14
N LEU E 162 -5.68 -0.14 -8.98
CA LEU E 162 -6.08 0.50 -7.72
C LEU E 162 -7.57 0.84 -7.73
N GLU E 163 -8.15 0.90 -8.93
CA GLU E 163 -9.56 1.21 -9.13
C GLU E 163 -10.57 0.50 -8.22
N PRO E 164 -10.44 -0.83 -8.03
CA PRO E 164 -11.37 -1.55 -7.17
C PRO E 164 -11.42 -1.01 -5.73
N TYR E 165 -10.41 -0.23 -5.36
CA TYR E 165 -10.30 0.34 -4.03
C TYR E 165 -10.71 1.80 -3.87
N PHE E 166 -11.00 2.47 -4.98
CA PHE E 166 -11.40 3.87 -4.91
C PHE E 166 -12.55 4.06 -3.92
N GLU E 167 -13.42 3.07 -3.81
CA GLU E 167 -14.56 3.18 -2.91
C GLU E 167 -14.24 3.31 -1.42
N LEU E 168 -12.98 3.07 -1.04
CA LEU E 168 -12.60 3.19 0.36
C LEU E 168 -12.41 4.67 0.74
N THR E 169 -12.51 5.56 -0.25
CA THR E 169 -12.38 7.00 -0.03
C THR E 169 -13.75 7.65 0.08
N GLU E 170 -14.80 6.84 0.07
CA GLU E 170 -16.15 7.37 0.15
C GLU E 170 -16.30 8.27 1.36
N GLY E 171 -17.03 9.38 1.14
CA GLY E 171 -17.23 10.35 2.21
C GLY E 171 -16.14 11.40 2.23
N GLN E 172 -15.15 11.25 1.36
CA GLN E 172 -14.03 12.17 1.31
C GLN E 172 -13.77 12.71 -0.10
N PRO E 173 -13.27 13.97 -0.19
CA PRO E 173 -12.96 14.60 -1.47
C PRO E 173 -11.67 14.00 -2.02
N PHE E 174 -11.79 13.15 -3.04
CA PHE E 174 -10.63 12.50 -3.62
C PHE E 174 -10.68 12.47 -5.14
N ILE E 175 -9.52 12.63 -5.77
CA ILE E 175 -9.42 12.58 -7.22
C ILE E 175 -8.29 11.64 -7.61
N PHE E 176 -8.59 10.72 -8.52
CA PHE E 176 -7.60 9.76 -9.02
C PHE E 176 -7.43 10.06 -10.51
N ILE E 177 -6.19 10.28 -10.92
CA ILE E 177 -5.86 10.61 -12.31
C ILE E 177 -4.94 9.59 -12.96
N GLY E 178 -5.33 9.11 -14.14
CA GLY E 178 -4.52 8.15 -14.85
C GLY E 178 -4.03 8.74 -16.16
N PHE E 179 -2.73 8.81 -16.33
CA PHE E 179 -2.13 9.37 -17.53
C PHE E 179 -1.58 8.33 -18.49
N ASN E 180 -1.45 8.73 -19.75
CA ASN E 180 -0.92 7.86 -20.78
C ASN E 180 -0.04 8.67 -21.72
N ALA E 181 0.89 8.00 -22.40
CA ALA E 181 1.78 8.66 -23.34
C ALA E 181 0.99 8.97 -24.60
N GLU E 182 1.51 9.89 -25.41
CA GLU E 182 0.85 10.27 -26.64
C GLU E 182 1.18 9.29 -27.76
N ALA E 183 2.38 8.72 -27.70
CA ALA E 183 2.83 7.77 -28.71
C ALA E 183 3.65 6.63 -28.13
N TYR E 184 3.69 5.51 -28.86
CA TYR E 184 4.43 4.30 -28.50
C TYR E 184 5.31 4.01 -29.70
N ASN E 185 6.62 4.04 -29.47
CA ASN E 185 7.55 3.84 -30.56
C ASN E 185 8.90 3.35 -30.07
N SER E 186 9.53 2.46 -30.84
CA SER E 186 10.83 1.92 -30.50
C SER E 186 11.99 2.84 -30.91
N ASN E 187 11.66 3.92 -31.61
CA ASN E 187 12.64 4.89 -32.08
C ASN E 187 13.19 5.80 -30.98
N VAL E 188 12.43 6.01 -29.91
CA VAL E 188 12.90 6.86 -28.83
C VAL E 188 13.73 6.03 -27.84
N PRO E 189 14.71 6.64 -27.16
CA PRO E 189 15.54 5.89 -26.21
C PRO E 189 14.72 5.42 -25.01
N LEU E 190 15.20 4.37 -24.37
CA LEU E 190 14.52 3.83 -23.20
C LEU E 190 14.69 4.80 -22.05
N ILE E 191 13.71 4.84 -21.16
CA ILE E 191 13.83 5.69 -19.98
C ILE E 191 14.73 4.83 -19.10
N PRO E 192 15.91 5.34 -18.69
CA PRO E 192 16.87 4.61 -17.86
C PRO E 192 16.33 4.09 -16.51
N LYS E 193 16.93 2.99 -16.05
CA LYS E 193 16.56 2.39 -14.78
C LYS E 193 17.72 2.55 -13.82
N GLY E 194 17.42 2.48 -12.53
CA GLY E 194 18.45 2.62 -11.52
C GLY E 194 19.08 4.00 -11.52
N SER E 195 20.32 4.08 -11.05
CA SER E 195 21.07 5.33 -10.96
C SER E 195 20.92 6.26 -12.17
N ASP E 196 21.05 5.70 -13.37
CA ASP E 196 20.96 6.51 -14.59
C ASP E 196 19.63 7.24 -14.80
N GLY E 197 18.59 6.79 -14.14
CA GLY E 197 17.28 7.41 -14.27
C GLY E 197 17.07 8.53 -13.28
N MET E 198 18.03 8.73 -12.39
CA MET E 198 17.94 9.78 -11.39
C MET E 198 18.65 11.07 -11.79
N SER E 199 18.44 12.08 -10.95
CA SER E 199 19.00 13.42 -11.04
C SER E 199 18.06 14.10 -10.08
N LYS E 200 16.80 14.11 -10.50
CA LYS E 200 15.67 14.63 -9.74
C LYS E 200 15.80 16.02 -9.10
N ARG E 201 16.95 16.67 -9.32
CA ARG E 201 17.29 18.01 -8.80
C ARG E 201 16.90 18.34 -7.35
N SER E 202 17.32 19.51 -6.89
CA SER E 202 17.00 19.95 -5.53
C SER E 202 15.53 20.33 -5.53
N ILE E 203 14.75 19.70 -4.65
CA ILE E 203 13.32 19.97 -4.57
C ILE E 203 12.93 21.02 -3.52
N LYS E 204 11.76 21.60 -3.72
CA LYS E 204 11.18 22.63 -2.87
C LYS E 204 10.46 21.96 -1.69
N LYS E 205 11.17 21.71 -0.59
CA LYS E 205 10.56 21.06 0.58
C LYS E 205 9.78 22.01 1.45
N TRP E 206 8.70 21.51 2.03
CA TRP E 206 7.84 22.29 2.90
C TRP E 206 8.61 22.78 4.13
N LYS E 207 9.52 21.95 4.64
CA LYS E 207 10.33 22.31 5.80
C LYS E 207 11.08 23.57 5.39
N ASP E 208 11.11 23.78 4.08
CA ASP E 208 11.67 24.90 3.35
C ASP E 208 12.87 24.70 2.46
N LYS E 209 12.70 25.25 1.25
CA LYS E 209 13.65 25.28 0.16
C LYS E 209 13.02 26.28 -0.83
#